data_1YEF
#
_entry.id   1YEF
#
_cell.length_a   78.200
_cell.length_b   78.200
_cell.length_c   158.700
_cell.angle_alpha   90.00
_cell.angle_beta   90.00
_cell.angle_gamma   120.00
#
_symmetry.space_group_name_H-M   'P 31 2 1'
#
loop_
_entity.id
_entity.type
_entity.pdbx_description
1 polymer 'IGG2A FAB FRAGMENT'
2 polymer 'IGG2A FAB FRAGMENT'
3 non-polymer 'ZINC ION'
4 non-polymer 'PARA-NITROBENZYL GLUTARYL GLYCINIC ACID'
5 water water
#
loop_
_entity_poly.entity_id
_entity_poly.type
_entity_poly.pdbx_seq_one_letter_code
_entity_poly.pdbx_strand_id
1 'polypeptide(L)'
;DIVMTQSPLTLSVTIGQPASISCKSSQSLLYSNGKTYLNWLLQRPGQSPKRLIHLVSKLDSGVPDRITGSGSGTDFTLKI
SRVEAADLGVYYCVQGTHFPYTFGGGTKLEILRGDAAPTVSIFPPSSEQLTSGGASVVCFLNNFYPKDINVKWKIDGSER
QNGVLNSWTDQDSKDSTYSMSSTLTLTKDEYERHNSYTCEATHKTSTSPIVKSFNRNEC
;
L
2 'polypeptide(L)'
;EMQLQQSGAELLRPGTSVKLSCKTSGYIFTSYWIHWVKQRSGQGLEWIARIYPGTGSTYYNEKFKGKATLTADKSSSTAY
MQLSTLKSEDSAVYFCTRWGFIPVREDYVMDYWGQGTLVTVSSAKTTAPSVYPLAPVCGDTTGSSVTLGCLVKGYFPEPV
TLTWNSGSLSSGVHTFPAVLQSDLYTLSSSVTVTSSTWPSQSITCNVAHPASSTKVDKKIEP
;
H
#
# COMPACT_ATOMS: atom_id res chain seq x y z
N ASP A 1 14.83 -18.97 -16.50
CA ASP A 1 13.50 -18.31 -16.42
C ASP A 1 13.55 -17.08 -17.33
N ILE A 2 12.40 -16.69 -17.88
CA ILE A 2 12.34 -15.56 -18.79
C ILE A 2 12.38 -14.28 -17.97
N VAL A 3 13.28 -13.38 -18.33
CA VAL A 3 13.37 -12.10 -17.66
C VAL A 3 12.48 -11.15 -18.46
N MET A 4 11.60 -10.45 -17.75
CA MET A 4 10.65 -9.50 -18.34
C MET A 4 11.06 -8.09 -17.92
N THR A 5 11.37 -7.23 -18.90
CA THR A 5 11.80 -5.86 -18.64
C THR A 5 10.76 -4.83 -19.05
N GLN A 6 10.34 -4.00 -18.11
CA GLN A 6 9.35 -2.96 -18.39
C GLN A 6 9.94 -1.57 -18.33
N SER A 7 9.57 -0.74 -19.28
CA SER A 7 10.03 0.63 -19.27
C SER A 7 8.85 1.49 -19.75
N PRO A 8 8.69 2.68 -19.17
CA PRO A 8 9.55 3.23 -18.12
C PRO A 8 9.14 2.71 -16.74
N LEU A 9 9.91 3.09 -15.72
CA LEU A 9 9.62 2.71 -14.33
C LEU A 9 8.39 3.45 -13.85
N THR A 10 8.28 4.72 -14.24
CA THR A 10 7.14 5.55 -13.88
C THR A 10 6.85 6.51 -15.04
N LEU A 11 5.57 6.81 -15.24
CA LEU A 11 5.21 7.78 -16.24
C LEU A 11 4.15 8.66 -15.64
N SER A 12 4.31 9.97 -15.82
CA SER A 12 3.35 10.93 -15.30
C SER A 12 2.61 11.45 -16.51
N VAL A 13 1.30 11.24 -16.54
CA VAL A 13 0.52 11.66 -17.69
C VAL A 13 -0.66 12.49 -17.24
N THR A 14 -1.03 13.46 -18.05
CA THR A 14 -2.17 14.28 -17.68
C THR A 14 -3.44 13.62 -18.18
N ILE A 15 -4.52 13.74 -17.41
CA ILE A 15 -5.80 13.17 -17.81
C ILE A 15 -6.12 13.60 -19.26
N GLY A 16 -6.52 12.65 -20.08
CA GLY A 16 -6.83 12.97 -21.45
C GLY A 16 -5.70 12.65 -22.41
N GLN A 17 -4.48 12.52 -21.92
CA GLN A 17 -3.39 12.20 -22.82
C GLN A 17 -3.17 10.70 -22.92
N PRO A 18 -2.54 10.25 -24.02
CA PRO A 18 -2.26 8.83 -24.20
C PRO A 18 -0.99 8.41 -23.44
N ALA A 19 -0.90 7.12 -23.14
CA ALA A 19 0.26 6.59 -22.42
C ALA A 19 0.58 5.22 -22.98
N SER A 20 1.86 4.91 -23.12
CA SER A 20 2.24 3.59 -23.58
C SER A 20 3.34 3.05 -22.69
N ILE A 21 3.27 1.75 -22.44
CA ILE A 21 4.20 1.03 -21.58
C ILE A 21 4.81 -0.10 -22.40
N SER A 22 6.10 -0.25 -22.27
CA SER A 22 6.82 -1.27 -23.00
C SER A 22 7.23 -2.44 -22.11
N CYS A 23 7.17 -3.62 -22.69
CA CYS A 23 7.56 -4.86 -22.02
C CYS A 23 8.39 -5.70 -23.00
N LYS A 24 9.58 -6.12 -22.56
CA LYS A 24 10.50 -6.91 -23.35
C LYS A 24 10.83 -8.22 -22.60
N SER A 25 10.94 -9.31 -23.33
CA SER A 25 11.26 -10.59 -22.69
C SER A 25 12.59 -11.13 -23.23
N SER A 26 13.24 -11.97 -22.44
CA SER A 26 14.52 -12.56 -22.84
C SER A 26 14.39 -13.72 -23.84
N GLN A 27 13.18 -14.24 -24.01
CA GLN A 27 12.88 -15.35 -24.93
C GLN A 27 11.62 -14.95 -25.69
N SER A 28 11.46 -15.40 -26.92
CA SER A 28 10.24 -15.10 -27.66
C SER A 28 9.13 -15.73 -26.86
N LEU A 29 7.96 -15.09 -26.85
CA LEU A 29 6.84 -15.60 -26.09
C LEU A 29 5.88 -16.36 -26.97
N LEU A 30 6.34 -16.68 -28.17
CA LEU A 30 5.54 -17.45 -29.10
C LEU A 30 5.57 -18.91 -28.64
N TYR A 31 4.41 -19.42 -28.22
CA TYR A 31 4.31 -20.80 -27.78
C TYR A 31 4.28 -21.71 -29.03
N SER A 32 4.56 -23.00 -28.82
CA SER A 32 4.62 -23.94 -29.93
C SER A 32 3.28 -24.13 -30.64
N ASN A 33 2.19 -23.71 -30.00
CA ASN A 33 0.89 -23.80 -30.64
C ASN A 33 0.61 -22.53 -31.46
N GLY A 34 1.60 -21.64 -31.55
CA GLY A 34 1.46 -20.41 -32.31
C GLY A 34 0.83 -19.25 -31.57
N LYS A 35 0.37 -19.47 -30.34
CA LYS A 35 -0.26 -18.42 -29.55
C LYS A 35 0.80 -17.79 -28.65
N THR A 36 0.60 -16.53 -28.28
CA THR A 36 1.53 -15.80 -27.43
C THR A 36 0.83 -15.42 -26.13
N TYR A 37 1.22 -16.09 -25.04
CA TYR A 37 0.61 -15.88 -23.73
C TYR A 37 1.18 -14.72 -22.93
N LEU A 38 0.97 -13.51 -23.44
CA LEU A 38 1.45 -12.30 -22.76
C LEU A 38 0.22 -11.59 -22.21
N ASN A 39 0.25 -11.33 -20.90
CA ASN A 39 -0.83 -10.65 -20.19
C ASN A 39 -0.37 -9.34 -19.55
N TRP A 40 -1.33 -8.46 -19.31
CA TRP A 40 -1.08 -7.17 -18.67
C TRP A 40 -2.03 -7.06 -17.50
N LEU A 41 -1.49 -6.67 -16.34
CA LEU A 41 -2.28 -6.51 -15.13
C LEU A 41 -2.13 -5.09 -14.61
N LEU A 42 -3.11 -4.66 -13.83
CA LEU A 42 -3.06 -3.35 -13.20
C LEU A 42 -3.28 -3.62 -11.72
N GLN A 43 -2.45 -3.01 -10.88
CA GLN A 43 -2.67 -3.15 -9.45
C GLN A 43 -2.92 -1.74 -8.96
N ARG A 44 -4.19 -1.44 -8.68
CA ARG A 44 -4.57 -0.12 -8.19
C ARG A 44 -4.17 -0.02 -6.73
N PRO A 45 -3.85 1.21 -6.27
CA PRO A 45 -3.44 1.41 -4.89
C PRO A 45 -4.38 0.71 -3.90
N GLY A 46 -3.79 -0.12 -3.05
CA GLY A 46 -4.53 -0.84 -2.04
C GLY A 46 -5.47 -1.92 -2.55
N GLN A 47 -5.31 -2.33 -3.80
CA GLN A 47 -6.14 -3.37 -4.39
C GLN A 47 -5.29 -4.52 -4.87
N SER A 48 -5.91 -5.66 -5.14
CA SER A 48 -5.21 -6.82 -5.65
C SER A 48 -5.03 -6.56 -7.13
N PRO A 49 -4.04 -7.21 -7.78
CA PRO A 49 -3.83 -7.01 -9.22
C PRO A 49 -5.08 -7.49 -9.99
N LYS A 50 -5.26 -7.01 -11.23
CA LYS A 50 -6.39 -7.41 -12.05
C LYS A 50 -5.92 -7.50 -13.50
N ARG A 51 -6.35 -8.54 -14.22
CA ARG A 51 -5.91 -8.67 -15.61
C ARG A 51 -6.73 -7.75 -16.50
N LEU A 52 -6.01 -7.04 -17.35
CA LEU A 52 -6.58 -6.12 -18.32
C LEU A 52 -6.60 -6.79 -19.70
N ILE A 53 -5.49 -7.42 -20.08
CA ILE A 53 -5.34 -8.03 -21.38
C ILE A 53 -4.73 -9.43 -21.31
N HIS A 54 -5.15 -10.30 -22.22
CA HIS A 54 -4.57 -11.64 -22.33
C HIS A 54 -4.31 -11.85 -23.82
N LEU A 55 -3.46 -12.83 -24.13
CA LEU A 55 -3.12 -13.13 -25.52
C LEU A 55 -2.71 -11.90 -26.32
N VAL A 56 -1.84 -11.11 -25.71
CA VAL A 56 -1.27 -9.90 -26.29
C VAL A 56 -2.18 -8.70 -26.52
N SER A 57 -3.35 -8.95 -27.10
CA SER A 57 -4.23 -7.86 -27.44
C SER A 57 -5.70 -8.04 -27.14
N LYS A 58 -6.03 -9.14 -26.47
CA LYS A 58 -7.42 -9.41 -26.14
C LYS A 58 -7.78 -8.82 -24.79
N LEU A 59 -8.78 -7.96 -24.79
CA LEU A 59 -9.23 -7.33 -23.57
C LEU A 59 -10.06 -8.26 -22.71
N ASP A 60 -9.90 -8.18 -21.41
CA ASP A 60 -10.73 -9.00 -20.56
C ASP A 60 -12.07 -8.34 -20.46
N SER A 61 -13.10 -9.12 -20.16
CA SER A 61 -14.43 -8.58 -20.04
C SER A 61 -14.45 -7.44 -19.03
N GLY A 62 -15.23 -6.40 -19.34
CA GLY A 62 -15.33 -5.28 -18.44
C GLY A 62 -14.17 -4.32 -18.46
N VAL A 63 -13.18 -4.54 -19.32
CA VAL A 63 -12.05 -3.63 -19.40
C VAL A 63 -12.36 -2.64 -20.52
N PRO A 64 -12.10 -1.34 -20.31
CA PRO A 64 -12.36 -0.32 -21.33
C PRO A 64 -11.43 -0.46 -22.52
N ASP A 65 -11.98 -0.30 -23.73
CA ASP A 65 -11.20 -0.39 -24.95
C ASP A 65 -10.35 0.83 -25.22
N ARG A 66 -10.20 1.69 -24.21
CA ARG A 66 -9.30 2.85 -24.28
C ARG A 66 -7.91 2.20 -24.19
N ILE A 67 -7.89 1.03 -23.55
CA ILE A 67 -6.69 0.24 -23.35
C ILE A 67 -6.49 -0.67 -24.57
N THR A 68 -5.27 -0.72 -25.06
CA THR A 68 -4.96 -1.53 -26.21
C THR A 68 -3.62 -2.22 -25.98
N GLY A 69 -3.47 -3.43 -26.48
CA GLY A 69 -2.20 -4.12 -26.33
C GLY A 69 -1.71 -4.60 -27.67
N SER A 70 -0.41 -4.70 -27.83
CA SER A 70 0.14 -5.19 -29.09
C SER A 70 1.58 -5.68 -28.93
N GLY A 71 2.15 -6.20 -30.00
CA GLY A 71 3.51 -6.70 -30.00
C GLY A 71 3.59 -8.17 -30.40
N SER A 72 4.81 -8.70 -30.42
CA SER A 72 5.06 -10.10 -30.74
C SER A 72 6.52 -10.44 -30.46
N GLY A 73 6.84 -11.72 -30.44
CA GLY A 73 8.21 -12.15 -30.21
C GLY A 73 8.63 -11.79 -28.80
N THR A 74 9.45 -10.74 -28.66
CA THR A 74 9.95 -10.30 -27.36
C THR A 74 9.60 -8.86 -26.99
N ASP A 75 8.84 -8.19 -27.86
CA ASP A 75 8.46 -6.78 -27.65
C ASP A 75 6.96 -6.59 -27.62
N PHE A 76 6.47 -6.02 -26.51
CA PHE A 76 5.05 -5.80 -26.33
C PHE A 76 4.77 -4.41 -25.80
N THR A 77 3.57 -3.89 -26.07
CA THR A 77 3.20 -2.54 -25.66
C THR A 77 1.75 -2.44 -25.26
N LEU A 78 1.53 -1.76 -24.15
CA LEU A 78 0.19 -1.52 -23.67
C LEU A 78 0.02 -0.03 -23.95
N LYS A 79 -1.09 0.35 -24.56
CA LYS A 79 -1.34 1.74 -24.84
C LYS A 79 -2.68 2.11 -24.26
N ILE A 80 -2.74 3.29 -23.64
CA ILE A 80 -3.99 3.82 -23.09
C ILE A 80 -4.18 5.06 -23.98
N SER A 81 -5.28 5.05 -24.74
CA SER A 81 -5.59 6.12 -25.69
C SER A 81 -5.87 7.48 -25.05
N ARG A 82 -6.58 7.46 -23.93
CA ARG A 82 -6.94 8.68 -23.21
C ARG A 82 -6.91 8.31 -21.74
N VAL A 83 -5.95 8.85 -20.98
CA VAL A 83 -5.86 8.55 -19.57
C VAL A 83 -6.94 9.19 -18.72
N GLU A 84 -7.51 8.40 -17.81
CA GLU A 84 -8.55 8.84 -16.89
C GLU A 84 -7.97 8.67 -15.49
N ALA A 85 -8.63 9.23 -14.48
CA ALA A 85 -8.17 9.15 -13.09
C ALA A 85 -8.07 7.72 -12.54
N ALA A 86 -8.98 6.86 -12.98
CA ALA A 86 -9.01 5.47 -12.55
C ALA A 86 -7.84 4.61 -13.07
N ASP A 87 -7.02 5.16 -13.95
CA ASP A 87 -5.87 4.41 -14.51
C ASP A 87 -4.63 4.44 -13.64
N LEU A 88 -4.69 5.17 -12.53
CA LEU A 88 -3.56 5.29 -11.60
C LEU A 88 -3.23 3.92 -10.97
N GLY A 89 -1.95 3.55 -11.00
CA GLY A 89 -1.56 2.28 -10.42
C GLY A 89 -0.28 1.77 -11.05
N VAL A 90 0.04 0.51 -10.76
CA VAL A 90 1.23 -0.11 -11.33
C VAL A 90 0.77 -1.13 -12.35
N TYR A 91 1.36 -1.06 -13.54
CA TYR A 91 1.03 -1.97 -14.63
C TYR A 91 2.14 -2.99 -14.73
N TYR A 92 1.75 -4.27 -14.87
CA TYR A 92 2.72 -5.35 -14.98
C TYR A 92 2.42 -6.24 -16.18
N CYS A 93 3.46 -6.67 -16.88
CA CYS A 93 3.27 -7.62 -17.95
C CYS A 93 3.74 -8.94 -17.31
N VAL A 94 3.09 -10.03 -17.68
CA VAL A 94 3.44 -11.35 -17.14
C VAL A 94 3.25 -12.34 -18.29
N GLN A 95 4.24 -13.19 -18.50
CA GLN A 95 4.22 -14.17 -19.57
C GLN A 95 3.80 -15.54 -19.08
N GLY A 96 3.04 -16.25 -19.89
CA GLY A 96 2.61 -17.59 -19.53
C GLY A 96 3.03 -18.65 -20.52
N THR A 97 3.98 -18.33 -21.40
CA THR A 97 4.47 -19.24 -22.45
C THR A 97 5.50 -20.25 -21.97
N HIS A 98 6.37 -19.79 -21.09
CA HIS A 98 7.45 -20.58 -20.58
C HIS A 98 7.34 -20.77 -19.09
N PHE A 99 7.34 -22.01 -18.64
CA PHE A 99 7.23 -22.31 -17.22
C PHE A 99 8.64 -22.12 -16.64
N PRO A 100 8.75 -21.46 -15.46
CA PRO A 100 7.67 -20.89 -14.66
C PRO A 100 7.30 -19.49 -15.12
N TYR A 101 6.07 -19.09 -14.83
CA TYR A 101 5.54 -17.78 -15.22
C TYR A 101 6.28 -16.65 -14.50
N THR A 102 6.62 -15.61 -15.24
CA THR A 102 7.38 -14.51 -14.71
C THR A 102 6.75 -13.16 -15.07
N PHE A 103 6.89 -12.21 -14.15
CA PHE A 103 6.34 -10.87 -14.27
C PHE A 103 7.43 -9.86 -14.56
N GLY A 104 7.03 -8.71 -15.11
CA GLY A 104 7.96 -7.63 -15.33
C GLY A 104 8.01 -6.87 -14.00
N GLY A 105 8.95 -5.94 -13.88
CA GLY A 105 9.08 -5.19 -12.64
C GLY A 105 7.98 -4.20 -12.29
N GLY A 106 7.14 -3.87 -13.27
CA GLY A 106 6.06 -2.93 -13.05
C GLY A 106 6.36 -1.52 -13.52
N THR A 107 5.32 -0.79 -13.91
CA THR A 107 5.41 0.61 -14.35
C THR A 107 4.34 1.39 -13.60
N LYS A 108 4.74 2.38 -12.82
CA LYS A 108 3.76 3.13 -12.09
C LYS A 108 3.30 4.29 -12.94
N LEU A 109 1.99 4.45 -13.05
CA LEU A 109 1.42 5.54 -13.82
C LEU A 109 0.93 6.57 -12.81
N GLU A 110 1.43 7.78 -12.91
CA GLU A 110 1.00 8.84 -12.03
C GLU A 110 0.35 9.95 -12.84
N ILE A 111 -0.76 10.46 -12.31
CA ILE A 111 -1.50 11.52 -12.97
C ILE A 111 -0.80 12.85 -12.75
N LEU A 112 -0.38 13.46 -13.85
CA LEU A 112 0.29 14.74 -13.81
C LEU A 112 -0.75 15.84 -13.67
N ARG A 113 -0.64 16.66 -12.65
CA ARG A 113 -1.60 17.74 -12.43
C ARG A 113 -0.90 19.08 -12.19
N GLY A 114 -1.72 20.11 -11.94
CA GLY A 114 -1.18 21.44 -11.69
C GLY A 114 -0.53 21.42 -10.33
N ASP A 115 0.57 22.17 -10.20
CA ASP A 115 1.29 22.24 -8.93
C ASP A 115 0.33 22.63 -7.82
N ALA A 116 0.61 22.12 -6.63
CA ALA A 116 -0.20 22.43 -5.48
C ALA A 116 0.76 22.57 -4.31
N ALA A 117 0.65 23.68 -3.60
CA ALA A 117 1.48 23.96 -2.45
C ALA A 117 0.92 23.22 -1.25
N PRO A 118 1.80 22.74 -0.36
CA PRO A 118 1.39 22.01 0.84
C PRO A 118 0.64 22.86 1.84
N THR A 119 -0.24 22.21 2.58
CA THR A 119 -0.96 22.82 3.68
C THR A 119 -0.25 22.14 4.83
N VAL A 120 0.49 22.93 5.61
CA VAL A 120 1.28 22.43 6.72
C VAL A 120 0.66 22.71 8.07
N SER A 121 0.56 21.67 8.89
CA SER A 121 0.01 21.76 10.24
C SER A 121 1.07 21.20 11.16
N ILE A 122 1.28 21.85 12.31
CA ILE A 122 2.26 21.38 13.28
C ILE A 122 1.58 21.13 14.63
N PHE A 123 1.98 20.06 15.31
CA PHE A 123 1.39 19.67 16.58
C PHE A 123 2.41 19.39 17.65
N PRO A 124 2.28 20.05 18.80
CA PRO A 124 3.20 19.84 19.91
C PRO A 124 2.83 18.50 20.53
N PRO A 125 3.67 17.95 21.44
CA PRO A 125 3.34 16.66 22.07
C PRO A 125 2.03 16.75 22.87
N SER A 126 1.30 15.64 22.97
CA SER A 126 0.08 15.64 23.76
C SER A 126 0.48 15.49 25.25
N SER A 127 -0.44 15.83 26.15
CA SER A 127 -0.20 15.74 27.60
C SER A 127 0.01 14.28 27.94
N GLU A 128 -0.83 13.44 27.35
CA GLU A 128 -0.76 12.00 27.57
C GLU A 128 0.66 11.52 27.31
N GLN A 129 1.21 11.91 26.17
CA GLN A 129 2.55 11.46 25.82
C GLN A 129 3.62 12.02 26.76
N LEU A 130 3.50 13.29 27.12
CA LEU A 130 4.50 13.88 28.01
C LEU A 130 4.56 13.11 29.33
N THR A 131 3.40 12.67 29.80
CA THR A 131 3.29 11.89 31.03
C THR A 131 4.18 10.65 30.95
N SER A 132 4.26 10.06 29.76
CA SER A 132 5.06 8.85 29.54
C SER A 132 6.57 9.12 29.42
N GLY A 133 6.98 10.38 29.55
CA GLY A 133 8.40 10.71 29.44
C GLY A 133 8.87 10.85 28.01
N GLY A 134 7.93 10.89 27.07
CA GLY A 134 8.28 11.02 25.67
C GLY A 134 7.66 12.26 25.08
N ALA A 135 8.11 12.66 23.88
CA ALA A 135 7.57 13.85 23.26
C ALA A 135 7.78 13.79 21.75
N SER A 136 6.68 13.80 21.01
CA SER A 136 6.76 13.79 19.54
C SER A 136 6.11 15.06 18.99
N VAL A 137 6.81 15.74 18.10
CA VAL A 137 6.26 16.94 17.47
C VAL A 137 5.93 16.45 16.05
N VAL A 138 4.69 16.62 15.64
CA VAL A 138 4.25 16.15 14.32
C VAL A 138 3.98 17.28 13.34
N CYS A 139 4.29 17.02 12.08
CA CYS A 139 4.05 18.00 11.05
C CYS A 139 3.43 17.31 9.85
N PHE A 140 2.25 17.77 9.43
CA PHE A 140 1.54 17.21 8.28
C PHE A 140 1.64 18.17 7.14
N LEU A 141 2.13 17.70 5.99
CA LEU A 141 2.24 18.54 4.80
C LEU A 141 1.25 17.89 3.85
N ASN A 142 0.03 18.42 3.83
CA ASN A 142 -1.03 17.85 3.04
C ASN A 142 -1.31 18.45 1.68
N ASN A 143 -1.65 17.57 0.74
CA ASN A 143 -2.03 17.93 -0.62
C ASN A 143 -1.13 18.81 -1.47
N PHE A 144 0.05 18.29 -1.79
CA PHE A 144 0.97 19.02 -2.62
C PHE A 144 1.25 18.23 -3.88
N TYR A 145 1.78 18.92 -4.87
CA TYR A 145 2.15 18.32 -6.14
C TYR A 145 3.11 19.32 -6.80
N PRO A 146 4.25 18.83 -7.33
CA PRO A 146 4.79 17.47 -7.41
C PRO A 146 5.10 16.82 -6.07
N LYS A 147 5.33 15.52 -6.09
CA LYS A 147 5.64 14.74 -4.88
C LYS A 147 6.97 15.13 -4.22
N ASP A 148 7.90 15.66 -5.02
CA ASP A 148 9.22 16.04 -4.55
C ASP A 148 9.20 17.16 -3.51
N ILE A 149 9.60 16.84 -2.30
CA ILE A 149 9.60 17.83 -1.23
C ILE A 149 10.65 17.43 -0.21
N ASN A 150 11.33 18.41 0.37
CA ASN A 150 12.34 18.14 1.37
C ASN A 150 11.96 18.82 2.69
N VAL A 151 11.83 18.07 3.77
CA VAL A 151 11.51 18.67 5.06
C VAL A 151 12.60 18.48 6.11
N LYS A 152 12.93 19.56 6.81
CA LYS A 152 13.94 19.56 7.85
C LYS A 152 13.27 20.03 9.13
N TRP A 153 13.83 19.65 10.27
CA TRP A 153 13.30 20.11 11.53
C TRP A 153 14.37 20.98 12.14
N LYS A 154 13.94 22.08 12.73
CA LYS A 154 14.87 22.99 13.35
C LYS A 154 14.40 23.29 14.74
N ILE A 155 15.29 23.12 15.70
CA ILE A 155 15.01 23.39 17.10
C ILE A 155 15.91 24.52 17.52
N ASP A 156 15.31 25.63 17.94
CA ASP A 156 16.05 26.80 18.35
C ASP A 156 17.09 27.21 17.31
N GLY A 157 16.65 27.13 16.05
CA GLY A 157 17.51 27.51 14.94
C GLY A 157 18.54 26.52 14.47
N SER A 158 18.60 25.33 15.06
CA SER A 158 19.58 24.35 14.60
C SER A 158 18.88 23.11 14.05
N GLU A 159 19.38 22.59 12.94
CA GLU A 159 18.79 21.42 12.30
C GLU A 159 18.96 20.19 13.15
N ARG A 160 17.87 19.45 13.28
CA ARG A 160 17.83 18.23 14.06
C ARG A 160 17.56 17.10 13.07
N GLN A 161 18.49 16.15 13.00
CA GLN A 161 18.38 15.01 12.09
C GLN A 161 18.05 13.69 12.77
N ASN A 162 18.32 13.59 14.06
CA ASN A 162 18.03 12.37 14.78
C ASN A 162 16.66 12.42 15.43
N GLY A 163 15.93 11.32 15.31
CA GLY A 163 14.59 11.21 15.87
C GLY A 163 13.47 11.55 14.89
N VAL A 164 13.81 11.70 13.60
CA VAL A 164 12.82 12.04 12.57
C VAL A 164 12.26 10.83 11.81
N LEU A 165 10.95 10.70 11.78
CA LEU A 165 10.29 9.59 11.14
C LEU A 165 9.33 10.19 10.10
N ASN A 166 9.57 9.89 8.82
CA ASN A 166 8.74 10.39 7.71
C ASN A 166 7.93 9.33 7.01
N SER A 167 6.75 9.71 6.56
CA SER A 167 5.86 8.79 5.84
C SER A 167 5.07 9.57 4.75
N TRP A 168 4.89 8.95 3.60
CA TRP A 168 4.18 9.60 2.49
C TRP A 168 3.02 8.73 2.06
N THR A 169 1.97 9.36 1.54
CA THR A 169 0.83 8.62 1.02
C THR A 169 1.09 8.44 -0.48
N ASP A 170 0.33 7.54 -1.08
CA ASP A 170 0.44 7.30 -2.51
C ASP A 170 -0.40 8.42 -3.13
N GLN A 171 -0.29 8.62 -4.43
CA GLN A 171 -1.08 9.68 -5.05
C GLN A 171 -2.55 9.47 -4.80
N ASP A 172 -3.21 10.53 -4.35
CA ASP A 172 -4.64 10.52 -4.06
C ASP A 172 -5.51 10.52 -5.32
N SER A 173 -6.42 9.54 -5.39
CA SER A 173 -7.34 9.39 -6.51
C SER A 173 -8.29 10.57 -6.65
N LYS A 174 -8.72 11.14 -5.53
CA LYS A 174 -9.64 12.26 -5.55
C LYS A 174 -9.06 13.54 -6.16
N ASP A 175 -7.83 13.90 -5.82
CA ASP A 175 -7.28 15.12 -6.38
C ASP A 175 -5.86 15.06 -6.94
N SER A 176 -5.30 13.86 -7.01
CA SER A 176 -3.96 13.63 -7.55
C SER A 176 -2.84 14.27 -6.81
N THR A 177 -3.06 14.61 -5.55
CA THR A 177 -2.01 15.22 -4.75
C THR A 177 -1.40 14.17 -3.82
N TYR A 178 -0.31 14.55 -3.17
CA TYR A 178 0.39 13.71 -2.21
C TYR A 178 0.31 14.38 -0.83
N SER A 179 0.45 13.59 0.22
CA SER A 179 0.47 14.10 1.58
C SER A 179 1.64 13.42 2.29
N MET A 180 2.23 14.10 3.27
CA MET A 180 3.36 13.56 4.01
C MET A 180 3.26 13.91 5.48
N SER A 181 3.80 13.03 6.32
CA SER A 181 3.80 13.22 7.76
C SER A 181 5.24 13.13 8.23
N SER A 182 5.64 14.03 9.11
CA SER A 182 6.99 14.02 9.64
C SER A 182 6.88 14.15 11.15
N THR A 183 7.45 13.19 11.87
CA THR A 183 7.40 13.17 13.31
C THR A 183 8.80 13.24 13.88
N LEU A 184 9.03 14.16 14.82
CA LEU A 184 10.31 14.30 15.50
C LEU A 184 10.03 13.85 16.93
N THR A 185 10.74 12.84 17.41
CA THR A 185 10.53 12.36 18.76
C THR A 185 11.77 12.60 19.61
N LEU A 186 11.54 13.13 20.81
CA LEU A 186 12.61 13.44 21.77
C LEU A 186 12.12 12.93 23.10
N THR A 187 12.94 13.11 24.13
CA THR A 187 12.56 12.71 25.48
C THR A 187 11.78 13.89 26.01
N LYS A 188 10.99 13.68 27.06
CA LYS A 188 10.22 14.76 27.64
C LYS A 188 11.17 15.85 28.16
N ASP A 189 12.25 15.42 28.81
CA ASP A 189 13.21 16.35 29.38
C ASP A 189 13.88 17.26 28.36
N GLU A 190 14.33 16.69 27.24
CA GLU A 190 14.97 17.52 26.24
C GLU A 190 13.98 18.47 25.58
N TYR A 191 12.77 17.97 25.33
CA TYR A 191 11.72 18.78 24.72
C TYR A 191 11.52 20.06 25.54
N GLU A 192 11.52 19.90 26.87
CA GLU A 192 11.30 21.02 27.77
C GLU A 192 12.47 21.95 27.95
N ARG A 193 13.56 21.69 27.25
CA ARG A 193 14.76 22.51 27.33
C ARG A 193 14.88 23.49 26.16
N HIS A 194 14.07 23.28 25.14
CA HIS A 194 14.11 24.13 23.97
C HIS A 194 12.87 24.98 23.86
N ASN A 195 12.89 25.96 22.97
CA ASN A 195 11.74 26.82 22.82
C ASN A 195 11.01 26.76 21.49
N SER A 196 11.72 27.00 20.39
CA SER A 196 11.15 27.00 19.04
C SER A 196 11.33 25.69 18.31
N TYR A 197 10.23 25.14 17.81
CA TYR A 197 10.24 23.90 17.04
C TYR A 197 9.72 24.23 15.66
N THR A 198 10.56 24.09 14.65
CA THR A 198 10.18 24.42 13.28
C THR A 198 10.24 23.27 12.28
N CYS A 199 9.16 23.18 11.53
CA CYS A 199 8.99 22.21 10.46
C CYS A 199 9.21 23.06 9.21
N GLU A 200 10.26 22.76 8.45
CA GLU A 200 10.58 23.56 7.28
C GLU A 200 10.62 22.74 6.00
N ALA A 201 9.77 23.09 5.03
CA ALA A 201 9.72 22.37 3.77
C ALA A 201 10.28 23.13 2.58
N THR A 202 10.82 22.37 1.65
CA THR A 202 11.39 22.88 0.43
C THR A 202 10.52 22.25 -0.65
N HIS A 203 9.90 23.08 -1.48
CA HIS A 203 9.03 22.60 -2.54
C HIS A 203 9.04 23.55 -3.75
N LYS A 204 8.87 22.96 -4.93
CA LYS A 204 8.81 23.64 -6.22
C LYS A 204 7.91 24.89 -6.22
N THR A 205 6.81 24.83 -5.46
CA THR A 205 5.86 25.93 -5.39
C THR A 205 6.35 27.14 -4.60
N SER A 206 7.61 27.13 -4.16
CA SER A 206 8.12 28.26 -3.41
C SER A 206 9.62 28.47 -3.55
N THR A 207 10.02 29.73 -3.76
CA THR A 207 11.43 30.08 -3.89
C THR A 207 12.11 30.12 -2.51
N SER A 208 11.30 30.19 -1.47
CA SER A 208 11.81 30.19 -0.10
C SER A 208 11.20 29.03 0.69
N PRO A 209 11.89 28.56 1.73
CA PRO A 209 11.32 27.45 2.49
C PRO A 209 9.96 27.79 3.08
N ILE A 210 9.10 26.77 3.11
CA ILE A 210 7.76 26.84 3.65
C ILE A 210 7.89 26.45 5.13
N VAL A 211 7.54 27.37 6.01
CA VAL A 211 7.70 27.19 7.44
C VAL A 211 6.43 27.16 8.29
N LYS A 212 6.49 26.34 9.32
CA LYS A 212 5.42 26.22 10.29
C LYS A 212 6.17 25.98 11.59
N SER A 213 5.87 26.78 12.61
CA SER A 213 6.57 26.63 13.87
C SER A 213 5.72 26.98 15.07
N PHE A 214 6.24 26.64 16.24
CA PHE A 214 5.58 26.98 17.47
C PHE A 214 6.67 27.16 18.50
N ASN A 215 6.38 28.02 19.46
CA ASN A 215 7.28 28.29 20.56
C ASN A 215 6.57 27.81 21.80
N ARG A 216 7.24 26.98 22.59
CA ARG A 216 6.64 26.54 23.82
C ARG A 216 7.19 27.49 24.87
N ASN A 217 6.43 27.68 25.94
CA ASN A 217 6.82 28.54 27.06
C ASN A 217 5.92 28.09 28.22
N GLU A 218 5.40 29.01 29.04
CA GLU A 218 4.51 28.60 30.13
C GLU A 218 3.42 29.59 30.48
N CYS A 219 2.17 29.17 30.30
CA CYS A 219 0.95 29.95 30.60
C CYS A 219 -0.25 29.49 29.77
N GLU B 1 -22.02 -14.18 -7.64
CA GLU B 1 -20.86 -13.35 -7.29
C GLU B 1 -19.73 -14.24 -6.76
N MET B 2 -18.71 -14.30 -7.58
CA MET B 2 -17.52 -15.08 -7.37
C MET B 2 -16.66 -14.32 -6.36
N GLN B 3 -16.32 -14.99 -5.26
CA GLN B 3 -15.50 -14.40 -4.20
C GLN B 3 -14.44 -15.33 -3.58
N LEU B 4 -13.26 -14.76 -3.34
CA LEU B 4 -12.14 -15.47 -2.73
C LEU B 4 -11.74 -14.69 -1.50
N GLN B 5 -11.96 -15.27 -0.31
CA GLN B 5 -11.59 -14.62 0.94
C GLN B 5 -10.39 -15.31 1.58
N GLN B 6 -9.34 -14.53 1.80
CA GLN B 6 -8.12 -15.07 2.41
C GLN B 6 -8.04 -14.76 3.89
N SER B 7 -7.29 -15.59 4.60
CA SER B 7 -7.11 -15.46 6.04
C SER B 7 -6.33 -14.20 6.43
N GLY B 8 -6.35 -13.91 7.73
CA GLY B 8 -5.71 -12.72 8.26
C GLY B 8 -4.20 -12.69 8.26
N ALA B 9 -3.67 -11.53 8.64
CA ALA B 9 -2.23 -11.31 8.70
C ALA B 9 -1.61 -12.30 9.68
N GLU B 10 -0.40 -12.75 9.38
CA GLU B 10 0.29 -13.70 10.22
C GLU B 10 1.64 -13.18 10.69
N LEU B 11 1.95 -13.41 11.96
CA LEU B 11 3.25 -13.03 12.50
C LEU B 11 3.84 -14.43 12.77
N LEU B 12 4.94 -14.78 12.11
CA LEU B 12 5.56 -16.10 12.26
C LEU B 12 6.99 -16.02 12.73
N ARG B 13 7.34 -16.97 13.59
CA ARG B 13 8.69 -17.03 14.12
C ARG B 13 9.59 -17.68 13.07
N PRO B 14 10.84 -17.19 12.95
CA PRO B 14 11.78 -17.75 11.99
C PRO B 14 11.93 -19.26 12.17
N GLY B 15 11.86 -20.01 11.08
CA GLY B 15 12.02 -21.45 11.17
C GLY B 15 10.75 -22.24 11.37
N THR B 16 9.63 -21.58 11.62
CA THR B 16 8.40 -22.31 11.81
C THR B 16 7.65 -22.36 10.46
N SER B 17 6.38 -22.72 10.46
CA SER B 17 5.63 -22.78 9.21
C SER B 17 4.21 -22.25 9.43
N VAL B 18 3.52 -21.89 8.34
CA VAL B 18 2.15 -21.36 8.41
C VAL B 18 1.34 -21.95 7.31
N LYS B 19 0.03 -21.99 7.52
CA LYS B 19 -0.86 -22.48 6.49
C LYS B 19 -1.82 -21.33 6.20
N LEU B 20 -1.85 -20.90 4.95
CA LEU B 20 -2.72 -19.81 4.55
C LEU B 20 -3.95 -20.40 3.87
N SER B 21 -5.10 -19.77 4.10
CA SER B 21 -6.31 -20.25 3.46
C SER B 21 -6.92 -19.24 2.49
N CYS B 22 -7.64 -19.77 1.53
CA CYS B 22 -8.28 -18.99 0.48
C CYS B 22 -9.64 -19.64 0.26
N LYS B 23 -10.64 -19.14 0.96
CA LYS B 23 -11.98 -19.69 0.83
C LYS B 23 -12.69 -19.09 -0.37
N THR B 24 -13.29 -19.92 -1.19
CA THR B 24 -13.96 -19.45 -2.39
C THR B 24 -15.46 -19.67 -2.37
N SER B 25 -16.17 -18.93 -3.21
CA SER B 25 -17.60 -19.08 -3.34
C SER B 25 -18.06 -18.44 -4.63
N GLY B 26 -19.24 -18.85 -5.08
CA GLY B 26 -19.80 -18.28 -6.28
C GLY B 26 -19.47 -19.01 -7.56
N TYR B 27 -18.73 -20.10 -7.49
CA TYR B 27 -18.42 -20.85 -8.69
C TYR B 27 -18.13 -22.31 -8.35
N ILE B 28 -18.00 -23.15 -9.36
CA ILE B 28 -17.73 -24.56 -9.12
C ILE B 28 -16.24 -24.68 -8.81
N PHE B 29 -15.94 -24.74 -7.52
CA PHE B 29 -14.57 -24.83 -7.02
C PHE B 29 -13.66 -25.83 -7.76
N THR B 30 -14.19 -27.01 -8.07
CA THR B 30 -13.40 -28.05 -8.71
C THR B 30 -13.07 -27.89 -10.18
N SER B 31 -13.70 -26.94 -10.86
CA SER B 31 -13.47 -26.78 -12.29
C SER B 31 -12.45 -25.75 -12.71
N TYR B 32 -11.77 -25.11 -11.77
CA TYR B 32 -10.81 -24.07 -12.14
C TYR B 32 -9.51 -24.14 -11.36
N TRP B 33 -8.41 -23.83 -12.03
CA TRP B 33 -7.10 -23.81 -11.38
C TRP B 33 -7.03 -22.62 -10.44
N ILE B 34 -6.40 -22.82 -9.29
CA ILE B 34 -6.20 -21.77 -8.32
C ILE B 34 -4.69 -21.55 -8.28
N HIS B 35 -4.27 -20.30 -8.43
CA HIS B 35 -2.84 -19.99 -8.44
C HIS B 35 -2.52 -19.19 -7.19
N TRP B 36 -1.26 -19.22 -6.79
CA TRP B 36 -0.82 -18.45 -5.63
C TRP B 36 0.34 -17.60 -6.14
N VAL B 37 0.33 -16.32 -5.75
CA VAL B 37 1.31 -15.32 -6.17
C VAL B 37 1.86 -14.60 -4.93
N LYS B 38 3.13 -14.21 -5.01
CA LYS B 38 3.80 -13.57 -3.91
C LYS B 38 4.19 -12.15 -4.28
N GLN B 39 4.03 -11.22 -3.33
CA GLN B 39 4.43 -9.85 -3.60
C GLN B 39 5.28 -9.30 -2.46
N ARG B 40 6.49 -8.86 -2.78
CA ARG B 40 7.39 -8.30 -1.77
C ARG B 40 7.62 -6.82 -2.08
N SER B 41 7.67 -6.00 -1.03
CA SER B 41 7.91 -4.56 -1.15
C SER B 41 7.39 -3.87 -2.41
N GLY B 42 6.07 -3.97 -2.63
CA GLY B 42 5.45 -3.35 -3.78
C GLY B 42 5.64 -4.04 -5.12
N GLN B 43 5.96 -3.25 -6.14
CA GLN B 43 6.16 -3.79 -7.49
C GLN B 43 7.20 -4.88 -7.63
N GLY B 44 6.70 -6.11 -7.63
CA GLY B 44 7.55 -7.27 -7.80
C GLY B 44 6.82 -8.54 -7.36
N LEU B 45 6.11 -9.11 -8.32
CA LEU B 45 5.31 -10.32 -8.10
C LEU B 45 6.05 -11.56 -8.55
N GLU B 46 5.71 -12.68 -7.96
CA GLU B 46 6.34 -13.95 -8.30
C GLU B 46 5.25 -14.98 -8.28
N TRP B 47 5.27 -15.85 -9.27
CA TRP B 47 4.28 -16.90 -9.39
C TRP B 47 4.83 -18.09 -8.60
N ILE B 48 4.03 -18.63 -7.71
CA ILE B 48 4.45 -19.73 -6.85
C ILE B 48 4.06 -21.11 -7.36
N ALA B 49 2.77 -21.35 -7.48
CA ALA B 49 2.23 -22.65 -7.88
C ALA B 49 0.74 -22.56 -8.21
N ARG B 50 0.21 -23.63 -8.78
CA ARG B 50 -1.21 -23.73 -9.12
C ARG B 50 -1.70 -25.13 -8.76
N ILE B 51 -2.97 -25.22 -8.44
CA ILE B 51 -3.57 -26.49 -8.11
C ILE B 51 -4.94 -26.59 -8.79
N TYR B 52 -5.27 -27.78 -9.27
CA TYR B 52 -6.57 -28.03 -9.86
C TYR B 52 -7.32 -28.77 -8.76
N PRO B 53 -8.22 -28.09 -8.04
CA PRO B 53 -8.96 -28.71 -6.94
C PRO B 53 -9.76 -29.99 -7.28
N GLY B 54 -10.10 -30.15 -8.56
CA GLY B 54 -10.86 -31.31 -8.97
C GLY B 54 -10.07 -32.59 -8.87
N THR B 55 -8.78 -32.52 -9.21
CA THR B 55 -7.94 -33.70 -9.16
C THR B 55 -6.85 -33.64 -8.11
N GLY B 56 -6.51 -32.44 -7.66
CA GLY B 56 -5.47 -32.28 -6.66
C GLY B 56 -4.13 -32.08 -7.34
N SER B 57 -4.16 -32.06 -8.67
CA SER B 57 -2.97 -31.86 -9.48
C SER B 57 -2.34 -30.47 -9.21
N THR B 58 -1.03 -30.44 -8.93
CA THR B 58 -0.32 -29.20 -8.63
C THR B 58 0.95 -29.05 -9.44
N TYR B 59 1.35 -27.81 -9.72
CA TYR B 59 2.57 -27.51 -10.46
C TYR B 59 3.28 -26.45 -9.64
N TYR B 60 4.58 -26.57 -9.44
CA TYR B 60 5.31 -25.58 -8.65
C TYR B 60 6.44 -24.95 -9.40
N ASN B 61 6.68 -23.69 -9.05
CA ASN B 61 7.81 -22.93 -9.56
C ASN B 61 8.95 -23.66 -8.82
N GLU B 62 10.01 -24.03 -9.54
CA GLU B 62 11.14 -24.73 -8.95
C GLU B 62 11.61 -24.06 -7.67
N LYS B 63 11.72 -22.74 -7.72
CA LYS B 63 12.15 -21.94 -6.57
C LYS B 63 11.40 -22.28 -5.29
N PHE B 64 10.12 -22.63 -5.42
CA PHE B 64 9.29 -22.90 -4.25
C PHE B 64 9.06 -24.34 -3.86
N LYS B 65 9.61 -25.27 -4.62
CA LYS B 65 9.45 -26.69 -4.28
C LYS B 65 10.09 -26.88 -2.93
N GLY B 66 9.35 -27.43 -1.98
CA GLY B 66 9.86 -27.63 -0.64
C GLY B 66 9.53 -26.45 0.27
N LYS B 67 9.23 -25.30 -0.31
CA LYS B 67 8.84 -24.14 0.48
C LYS B 67 7.32 -24.10 0.63
N ALA B 68 6.61 -24.27 -0.48
CA ALA B 68 5.16 -24.24 -0.50
C ALA B 68 4.52 -25.58 -0.78
N THR B 69 3.40 -25.85 -0.14
CA THR B 69 2.62 -27.05 -0.37
C THR B 69 1.18 -26.60 -0.54
N LEU B 70 0.59 -26.89 -1.69
CA LEU B 70 -0.79 -26.50 -1.94
C LEU B 70 -1.70 -27.68 -1.75
N THR B 71 -2.85 -27.44 -1.14
CA THR B 71 -3.88 -28.47 -0.94
C THR B 71 -5.19 -27.77 -1.17
N ALA B 72 -6.27 -28.52 -1.22
CA ALA B 72 -7.57 -27.91 -1.44
C ALA B 72 -8.60 -28.79 -0.76
N ASP B 73 -9.58 -28.18 -0.11
CA ASP B 73 -10.62 -28.95 0.53
C ASP B 73 -11.90 -28.75 -0.28
N LYS B 74 -12.25 -29.76 -1.08
CA LYS B 74 -13.43 -29.69 -1.92
C LYS B 74 -14.71 -29.56 -1.14
N SER B 75 -14.80 -30.21 0.00
CA SER B 75 -16.03 -30.14 0.78
C SER B 75 -16.30 -28.75 1.29
N SER B 76 -15.26 -27.92 1.39
CA SER B 76 -15.45 -26.57 1.87
C SER B 76 -15.06 -25.50 0.86
N SER B 77 -14.61 -25.92 -0.32
CA SER B 77 -14.19 -25.00 -1.38
C SER B 77 -13.10 -24.03 -0.91
N THR B 78 -12.13 -24.57 -0.19
CA THR B 78 -11.04 -23.80 0.35
C THR B 78 -9.69 -24.34 -0.12
N ALA B 79 -8.85 -23.46 -0.65
CA ALA B 79 -7.52 -23.81 -1.10
C ALA B 79 -6.59 -23.39 0.02
N TYR B 80 -5.52 -24.13 0.22
CA TYR B 80 -4.58 -23.81 1.28
C TYR B 80 -3.16 -23.83 0.72
N MET B 81 -2.31 -23.05 1.34
CA MET B 81 -0.92 -23.07 0.96
C MET B 81 -0.14 -23.07 2.25
N GLN B 82 0.64 -24.11 2.49
CA GLN B 82 1.45 -24.16 3.69
C GLN B 82 2.87 -23.75 3.29
N LEU B 83 3.46 -22.86 4.09
CA LEU B 83 4.82 -22.40 3.85
C LEU B 83 5.62 -22.97 4.99
N SER B 84 6.75 -23.60 4.67
CA SER B 84 7.60 -24.24 5.65
C SER B 84 8.90 -23.55 5.90
N THR B 85 9.43 -23.72 7.11
CA THR B 85 10.71 -23.16 7.54
C THR B 85 10.94 -21.74 7.03
N LEU B 86 10.11 -20.83 7.55
CA LEU B 86 10.12 -19.45 7.13
C LEU B 86 11.39 -18.71 7.47
N LYS B 87 11.80 -17.88 6.52
CA LYS B 87 12.98 -17.04 6.61
C LYS B 87 12.64 -15.64 6.12
N SER B 88 13.64 -14.78 6.13
CA SER B 88 13.51 -13.38 5.74
C SER B 88 12.72 -13.16 4.44
N GLU B 89 13.11 -13.86 3.38
CA GLU B 89 12.48 -13.74 2.07
C GLU B 89 10.99 -14.09 2.05
N ASP B 90 10.53 -14.83 3.04
CA ASP B 90 9.13 -15.23 3.08
C ASP B 90 8.16 -14.18 3.57
N SER B 91 8.68 -13.08 4.12
CA SER B 91 7.83 -12.01 4.59
C SER B 91 7.28 -11.37 3.32
N ALA B 92 5.97 -11.41 3.13
CA ALA B 92 5.40 -10.85 1.91
C ALA B 92 3.90 -10.93 1.98
N VAL B 93 3.24 -10.44 0.92
CA VAL B 93 1.80 -10.55 0.83
C VAL B 93 1.57 -11.70 -0.19
N TYR B 94 0.68 -12.63 0.16
CA TYR B 94 0.40 -13.73 -0.72
C TYR B 94 -1.02 -13.65 -1.22
N PHE B 95 -1.23 -13.80 -2.52
CA PHE B 95 -2.56 -13.77 -3.10
C PHE B 95 -2.91 -15.11 -3.71
N CYS B 96 -4.18 -15.46 -3.66
CA CYS B 96 -4.67 -16.63 -4.33
C CYS B 96 -5.55 -16.01 -5.42
N THR B 97 -5.65 -16.67 -6.56
CA THR B 97 -6.46 -16.14 -7.65
C THR B 97 -7.01 -17.25 -8.54
N ARG B 98 -8.29 -17.15 -8.91
CA ARG B 98 -8.87 -18.09 -9.85
C ARG B 98 -8.51 -17.37 -11.14
N TRP B 99 -7.32 -17.66 -11.67
CA TRP B 99 -6.76 -16.98 -12.83
C TRP B 99 -7.66 -16.93 -14.08
N GLY B 100 -8.38 -18.02 -14.33
CA GLY B 100 -9.31 -18.08 -15.45
C GLY B 100 -8.86 -18.63 -16.79
N PHE B 101 -7.64 -19.15 -16.92
CA PHE B 101 -7.27 -19.71 -18.20
C PHE B 101 -7.97 -21.06 -18.31
N ILE B 102 -8.63 -21.30 -19.43
CA ILE B 102 -9.33 -22.55 -19.69
C ILE B 102 -8.50 -23.24 -20.75
N PRO B 103 -7.71 -24.25 -20.36
CA PRO B 103 -6.86 -24.97 -21.31
C PRO B 103 -7.59 -25.50 -22.56
N VAL B 104 -8.78 -26.07 -22.41
CA VAL B 104 -9.51 -26.61 -23.56
C VAL B 104 -9.88 -25.53 -24.60
N ARG B 105 -10.23 -24.34 -24.11
CA ARG B 105 -10.63 -23.25 -24.98
C ARG B 105 -9.42 -22.42 -25.42
N GLU B 106 -8.28 -22.61 -24.77
CA GLU B 106 -7.11 -21.79 -25.10
C GLU B 106 -7.46 -20.30 -25.00
N ASP B 107 -8.35 -20.00 -24.06
CA ASP B 107 -8.79 -18.64 -23.87
C ASP B 107 -9.05 -18.45 -22.38
N TYR B 108 -9.30 -17.21 -21.97
CA TYR B 108 -9.50 -16.87 -20.58
C TYR B 108 -10.88 -16.43 -20.18
N VAL B 109 -11.20 -16.71 -18.93
CA VAL B 109 -12.45 -16.33 -18.33
C VAL B 109 -11.97 -15.28 -17.28
N MET B 110 -12.86 -14.48 -16.72
CA MET B 110 -12.47 -13.45 -15.75
C MET B 110 -11.66 -13.96 -14.58
N ASP B 111 -10.66 -13.19 -14.20
CA ASP B 111 -9.82 -13.54 -13.06
C ASP B 111 -10.37 -12.88 -11.79
N TYR B 112 -10.45 -13.67 -10.72
CA TYR B 112 -10.92 -13.18 -9.43
C TYR B 112 -9.79 -13.38 -8.43
N TRP B 113 -9.56 -12.40 -7.58
CA TRP B 113 -8.47 -12.48 -6.62
C TRP B 113 -8.88 -12.34 -5.19
N GLY B 114 -8.09 -12.94 -4.30
CA GLY B 114 -8.35 -12.81 -2.87
C GLY B 114 -7.77 -11.45 -2.49
N GLN B 115 -8.01 -10.99 -1.27
CA GLN B 115 -7.49 -9.69 -0.86
C GLN B 115 -6.02 -9.66 -0.44
N GLY B 116 -5.39 -10.83 -0.31
CA GLY B 116 -4.00 -10.87 0.07
C GLY B 116 -3.83 -11.17 1.54
N THR B 117 -2.76 -11.87 1.88
CA THR B 117 -2.42 -12.23 3.26
C THR B 117 -0.97 -11.80 3.50
N LEU B 118 -0.78 -10.92 4.47
CA LEU B 118 0.53 -10.40 4.85
C LEU B 118 1.14 -11.36 5.88
N VAL B 119 2.37 -11.81 5.63
CA VAL B 119 3.06 -12.71 6.53
C VAL B 119 4.33 -11.98 6.97
N THR B 120 4.51 -11.83 8.27
CA THR B 120 5.68 -11.17 8.83
C THR B 120 6.49 -12.22 9.57
N VAL B 121 7.72 -12.46 9.12
CA VAL B 121 8.59 -13.41 9.77
C VAL B 121 9.50 -12.63 10.72
N SER B 122 9.30 -12.80 12.03
CA SER B 122 10.07 -12.09 13.03
C SER B 122 9.99 -12.80 14.37
N SER B 123 10.97 -12.56 15.22
CA SER B 123 10.96 -13.14 16.55
C SER B 123 10.59 -12.06 17.58
N ALA B 124 10.35 -10.82 17.12
CA ALA B 124 10.00 -9.68 17.98
C ALA B 124 8.66 -9.88 18.63
N LYS B 125 8.51 -9.39 19.86
CA LYS B 125 7.27 -9.58 20.56
C LYS B 125 6.17 -8.62 20.16
N THR B 126 4.93 -9.05 20.36
CA THR B 126 3.77 -8.25 20.07
C THR B 126 3.70 -7.13 21.10
N THR B 127 3.46 -5.91 20.62
CA THR B 127 3.41 -4.75 21.47
C THR B 127 2.21 -3.89 21.12
N ALA B 128 1.41 -3.52 22.12
CA ALA B 128 0.22 -2.68 21.96
C ALA B 128 0.64 -1.22 21.73
N PRO B 129 -0.04 -0.52 20.82
CA PRO B 129 0.34 0.87 20.57
C PRO B 129 -0.18 1.84 21.59
N SER B 130 0.40 3.04 21.57
CA SER B 130 -0.03 4.13 22.43
C SER B 130 -0.69 5.06 21.41
N VAL B 131 -1.90 5.52 21.68
CA VAL B 131 -2.63 6.42 20.79
C VAL B 131 -2.65 7.82 21.40
N TYR B 132 -2.13 8.81 20.66
CA TYR B 132 -2.08 10.20 21.15
C TYR B 132 -2.87 11.17 20.27
N PRO B 133 -3.74 11.99 20.88
CA PRO B 133 -4.53 12.95 20.12
C PRO B 133 -3.71 14.19 19.74
N LEU B 134 -3.87 14.65 18.51
CA LEU B 134 -3.15 15.83 18.06
C LEU B 134 -4.15 16.96 17.85
N ALA B 135 -4.19 17.85 18.81
CA ALA B 135 -5.06 19.02 18.74
C ALA B 135 -4.12 20.12 18.32
N PRO B 136 -4.58 21.05 17.47
CA PRO B 136 -3.71 22.14 17.02
C PRO B 136 -3.42 23.23 18.02
N VAL B 137 -2.30 23.92 17.76
CA VAL B 137 -1.90 25.08 18.53
C VAL B 137 -1.38 25.95 17.41
N CYS B 138 -0.71 25.28 16.46
CA CYS B 138 -0.16 25.89 15.25
C CYS B 138 -0.62 25.02 14.07
N GLY B 139 -1.05 23.78 14.37
CA GLY B 139 -1.56 22.89 13.35
C GLY B 139 -3.03 23.19 13.12
N ASP B 140 -3.37 24.43 13.47
CA ASP B 140 -4.71 24.99 13.38
C ASP B 140 -5.17 25.30 11.96
N THR B 141 -4.24 25.83 11.16
CA THR B 141 -4.50 26.24 9.78
C THR B 141 -5.52 27.40 9.87
N THR B 142 -5.36 28.22 10.90
CA THR B 142 -6.21 29.38 11.16
C THR B 142 -7.67 28.92 11.25
N GLY B 143 -8.60 29.81 10.90
CA GLY B 143 -10.01 29.49 10.89
C GLY B 143 -10.33 28.92 9.52
N SER B 144 -11.62 28.75 9.23
CA SER B 144 -12.10 28.18 7.96
C SER B 144 -12.06 26.66 8.12
N SER B 145 -10.85 26.09 8.10
CA SER B 145 -10.70 24.66 8.28
C SER B 145 -9.58 24.46 9.29
N VAL B 146 -9.71 23.43 10.10
CA VAL B 146 -8.71 23.09 11.10
C VAL B 146 -8.38 21.61 10.88
N THR B 147 -7.13 21.23 11.08
CA THR B 147 -6.80 19.83 10.91
C THR B 147 -6.32 19.22 12.23
N LEU B 148 -6.89 18.07 12.55
CA LEU B 148 -6.57 17.34 13.77
C LEU B 148 -5.79 16.10 13.34
N GLY B 149 -5.19 15.42 14.30
CA GLY B 149 -4.43 14.25 13.96
C GLY B 149 -4.49 13.20 15.04
N CYS B 150 -4.00 12.02 14.72
CA CYS B 150 -3.95 10.91 15.67
C CYS B 150 -2.62 10.24 15.50
N LEU B 151 -1.86 10.13 16.59
CA LEU B 151 -0.53 9.49 16.57
C LEU B 151 -0.56 8.13 17.25
N VAL B 152 -0.33 7.09 16.45
CA VAL B 152 -0.29 5.72 16.95
C VAL B 152 1.16 5.26 16.96
N LYS B 153 1.74 5.06 18.14
CA LYS B 153 3.12 4.65 18.15
C LYS B 153 3.49 3.53 19.10
N GLY B 154 4.57 2.84 18.75
CA GLY B 154 5.08 1.77 19.57
C GLY B 154 4.32 0.48 19.55
N TYR B 155 3.90 0.03 18.37
CA TYR B 155 3.18 -1.22 18.30
C TYR B 155 3.89 -2.20 17.39
N PHE B 156 3.59 -3.48 17.58
CA PHE B 156 4.12 -4.54 16.73
C PHE B 156 3.23 -5.78 16.91
N PRO B 157 2.89 -6.46 15.82
CA PRO B 157 3.28 -6.14 14.44
C PRO B 157 2.15 -5.41 13.76
N GLU B 158 2.27 -5.26 12.45
CA GLU B 158 1.21 -4.63 11.67
C GLU B 158 0.15 -5.73 11.52
N PRO B 159 -1.11 -5.35 11.26
CA PRO B 159 -1.63 -4.00 11.08
C PRO B 159 -2.36 -3.42 12.27
N VAL B 160 -2.68 -2.14 12.14
CA VAL B 160 -3.45 -1.40 13.14
C VAL B 160 -4.65 -0.87 12.31
N THR B 161 -5.78 -0.61 12.96
CA THR B 161 -6.96 -0.12 12.27
C THR B 161 -7.27 1.26 12.82
N LEU B 162 -7.42 2.25 11.93
CA LEU B 162 -7.70 3.61 12.37
C LEU B 162 -8.85 4.26 11.61
N THR B 163 -9.87 4.71 12.34
CA THR B 163 -11.00 5.39 11.74
C THR B 163 -11.27 6.65 12.54
N TRP B 164 -12.13 7.49 11.99
CA TRP B 164 -12.51 8.74 12.65
C TRP B 164 -14.03 8.71 12.84
N ASN B 165 -14.47 8.92 14.07
CA ASN B 165 -15.90 8.89 14.39
C ASN B 165 -16.54 7.60 13.85
N SER B 166 -15.90 6.48 14.17
CA SER B 166 -16.36 5.15 13.76
C SER B 166 -16.53 4.94 12.26
N GLY B 167 -15.87 5.74 11.45
CA GLY B 167 -15.99 5.59 10.01
C GLY B 167 -16.92 6.65 9.47
N SER B 168 -17.65 7.32 10.36
CA SER B 168 -18.58 8.38 9.95
C SER B 168 -17.81 9.46 9.21
N LEU B 169 -16.61 9.76 9.69
CA LEU B 169 -15.77 10.79 9.09
C LEU B 169 -14.68 10.13 8.23
N SER B 170 -14.89 10.12 6.92
CA SER B 170 -13.94 9.50 6.01
C SER B 170 -13.33 10.44 4.97
N SER B 171 -14.02 11.51 4.65
CA SER B 171 -13.49 12.44 3.67
C SER B 171 -12.63 13.48 4.34
N GLY B 172 -11.49 13.77 3.72
CA GLY B 172 -10.57 14.73 4.29
C GLY B 172 -9.57 14.13 5.29
N VAL B 173 -9.56 12.79 5.39
CA VAL B 173 -8.63 12.10 6.28
C VAL B 173 -7.46 11.55 5.47
N HIS B 174 -6.28 11.54 6.07
CA HIS B 174 -5.08 11.02 5.44
C HIS B 174 -4.46 10.09 6.46
N THR B 175 -4.36 8.81 6.12
CA THR B 175 -3.75 7.86 7.01
C THR B 175 -2.44 7.47 6.37
N PHE B 176 -1.37 7.78 7.07
CA PHE B 176 -0.04 7.51 6.55
C PHE B 176 0.44 6.10 6.85
N PRO B 177 1.21 5.53 5.90
CA PRO B 177 1.75 4.19 6.04
C PRO B 177 2.64 4.10 7.29
N ALA B 178 2.50 3.03 8.06
CA ALA B 178 3.31 2.83 9.25
C ALA B 178 4.79 2.67 8.86
N VAL B 179 5.66 3.22 9.68
CA VAL B 179 7.09 3.11 9.46
C VAL B 179 7.69 2.40 10.66
N LEU B 180 8.54 1.42 10.40
CA LEU B 180 9.18 0.64 11.43
C LEU B 180 10.44 1.33 11.87
N GLN B 181 10.65 1.38 13.18
CA GLN B 181 11.84 1.97 13.76
C GLN B 181 12.04 1.37 15.14
N SER B 182 13.21 0.76 15.35
CA SER B 182 13.57 0.12 16.61
C SER B 182 12.58 -0.94 17.03
N ASP B 183 12.23 -1.79 16.08
CA ASP B 183 11.30 -2.90 16.28
C ASP B 183 9.86 -2.52 16.61
N LEU B 184 9.53 -1.25 16.43
CA LEU B 184 8.18 -0.75 16.68
C LEU B 184 7.71 0.14 15.53
N TYR B 185 6.44 0.01 15.17
CA TYR B 185 5.87 0.83 14.11
C TYR B 185 5.21 2.08 14.66
N THR B 186 5.18 3.12 13.83
CA THR B 186 4.52 4.36 14.17
C THR B 186 3.68 4.72 12.95
N LEU B 187 2.45 5.15 13.20
CA LEU B 187 1.52 5.50 12.14
C LEU B 187 0.77 6.75 12.59
N SER B 188 0.40 7.59 11.65
CA SER B 188 -0.36 8.80 11.98
C SER B 188 -1.47 9.01 10.94
N SER B 189 -2.47 9.80 11.31
CA SER B 189 -3.58 10.11 10.43
C SER B 189 -3.99 11.53 10.72
N SER B 190 -4.32 12.28 9.67
CA SER B 190 -4.78 13.66 9.82
C SER B 190 -6.20 13.73 9.27
N VAL B 191 -7.00 14.64 9.82
CA VAL B 191 -8.37 14.85 9.35
C VAL B 191 -8.61 16.35 9.35
N THR B 192 -9.13 16.84 8.24
CA THR B 192 -9.39 18.26 8.14
C THR B 192 -10.90 18.50 8.15
N VAL B 193 -11.34 19.34 9.06
CA VAL B 193 -12.76 19.67 9.19
C VAL B 193 -12.93 21.19 9.15
N THR B 194 -14.16 21.64 8.99
CA THR B 194 -14.45 23.07 8.98
C THR B 194 -14.35 23.60 10.41
N SER B 195 -14.03 24.87 10.58
CA SER B 195 -13.93 25.43 11.93
C SER B 195 -15.28 25.30 12.64
N SER B 196 -16.35 25.18 11.87
CA SER B 196 -17.72 25.06 12.40
C SER B 196 -18.01 23.67 12.98
N THR B 197 -17.16 22.72 12.67
CA THR B 197 -17.33 21.36 13.15
C THR B 197 -16.64 21.18 14.49
N TRP B 198 -15.36 21.53 14.55
CA TRP B 198 -14.56 21.39 15.75
C TRP B 198 -14.20 22.78 16.28
N PRO B 199 -14.19 22.96 17.62
CA PRO B 199 -14.47 22.04 18.73
C PRO B 199 -15.95 21.77 19.04
N SER B 200 -16.83 22.44 18.30
CA SER B 200 -18.28 22.33 18.48
C SER B 200 -18.77 20.89 18.69
N GLN B 201 -18.54 20.02 17.71
CA GLN B 201 -18.92 18.62 17.83
C GLN B 201 -17.62 17.84 17.97
N SER B 202 -17.68 16.67 18.59
CA SER B 202 -16.48 15.88 18.81
C SER B 202 -15.94 15.04 17.65
N ILE B 203 -14.62 14.99 17.58
CA ILE B 203 -13.92 14.21 16.58
C ILE B 203 -13.20 13.16 17.40
N THR B 204 -13.38 11.90 17.04
CA THR B 204 -12.73 10.86 17.79
C THR B 204 -11.94 9.96 16.85
N CYS B 205 -10.78 9.57 17.32
CA CYS B 205 -9.88 8.71 16.60
C CYS B 205 -10.06 7.30 17.16
N ASN B 206 -10.41 6.34 16.32
CA ASN B 206 -10.60 4.96 16.79
C ASN B 206 -9.45 4.09 16.26
N VAL B 207 -8.84 3.33 17.15
CA VAL B 207 -7.73 2.48 16.76
C VAL B 207 -7.88 1.05 17.26
N ALA B 208 -7.60 0.10 16.39
CA ALA B 208 -7.68 -1.30 16.76
C ALA B 208 -6.40 -2.00 16.34
N HIS B 209 -5.85 -2.81 17.23
CA HIS B 209 -4.65 -3.58 16.94
C HIS B 209 -4.98 -5.02 17.30
N PRO B 210 -5.48 -5.81 16.32
CA PRO B 210 -5.86 -7.21 16.49
C PRO B 210 -4.83 -8.05 17.21
N ALA B 211 -3.59 -7.98 16.74
CA ALA B 211 -2.50 -8.76 17.31
C ALA B 211 -2.44 -8.69 18.84
N SER B 212 -2.72 -7.53 19.41
CA SER B 212 -2.66 -7.42 20.85
C SER B 212 -4.04 -7.22 21.43
N SER B 213 -5.06 -7.42 20.61
CA SER B 213 -6.43 -7.24 21.05
C SER B 213 -6.64 -5.90 21.75
N THR B 214 -6.13 -4.85 21.11
CA THR B 214 -6.25 -3.52 21.67
C THR B 214 -7.25 -2.75 20.81
N LYS B 215 -8.14 -2.02 21.48
CA LYS B 215 -9.11 -1.19 20.78
C LYS B 215 -9.19 0.08 21.63
N VAL B 216 -8.87 1.22 21.03
CA VAL B 216 -8.88 2.48 21.77
C VAL B 216 -9.42 3.64 20.97
N ASP B 217 -10.16 4.50 21.63
CA ASP B 217 -10.72 5.67 20.99
C ASP B 217 -10.19 6.87 21.72
N LYS B 218 -9.66 7.83 20.98
CA LYS B 218 -9.13 9.05 21.57
C LYS B 218 -9.99 10.20 21.06
N LYS B 219 -10.46 11.02 21.99
CA LYS B 219 -11.28 12.16 21.66
C LYS B 219 -10.32 13.33 21.56
N ILE B 220 -10.32 14.02 20.43
CA ILE B 220 -9.42 15.15 20.28
C ILE B 220 -10.04 16.36 21.00
N GLU B 221 -9.51 16.65 22.18
CA GLU B 221 -10.01 17.78 22.96
C GLU B 221 -9.10 18.96 22.65
N PRO B 222 -9.60 20.19 22.78
CA PRO B 222 -8.82 21.39 22.52
C PRO B 222 -7.68 21.56 23.53
#